data_4PD2
#
_entry.id   4PD2
#
_cell.length_a   91.456
_cell.length_b   91.456
_cell.length_c   140.389
_cell.angle_alpha   90.00
_cell.angle_beta   90.00
_cell.angle_gamma   90.00
#
_symmetry.space_group_name_H-M   'P 41 21 2'
#
loop_
_entity.id
_entity.type
_entity.pdbx_description
1 polymer 'Formamidopyrimidine-DNA glycosylase'
2 polymer "DNA (5'-D(*CP*TP*CP*TP*TP*TP*(3DR)P*TP*TP*TP*CP*TP*CP*G)-3')"
3 polymer "DNA (5'-D(*GP*CP*GP*AP*GP*AP*AP*AP*CP*AP*AP*AP*GP*A)-3')"
4 non-polymer 'ZINC ION'
5 water water
#
loop_
_entity_poly.entity_id
_entity_poly.type
_entity_poly.pdbx_seq_one_letter_code
_entity_poly.pdbx_strand_id
1 'polypeptide(L)'
;PELPEVETVRRELEKRIVGQKIISIEATYPRMVLTGFEQLKKELTGKTIQGISRRGKYLIFEIGDDFRLISHLRMEGKYR
LATLDAPREKHDHLTMKFADGQLIYADVRKFGTWELISTDQVLPYFLKKKIGPEPTYEDFDEKLFREKLRKSTKKIKPYL
LEQTLVAGLGNIYVDEVLWLAKIHPEKETNQLIESSIHLLHDSIIEILQKAIKLGGSSIRTYSALGSTGKMQNELQVYGK
TGEKCSRGHGAEIQKIKVAGRGTHFCPVCQQK
;
A
2 'polydeoxyribonucleotide' (DC)(DT)(DC)(DT)(DT)(DT)(3DR)(DT)(DT)(DT)(DC)(DT)(DC)(DG) B
3 'polydeoxyribonucleotide' (DG)(DC)(DG)(DA)(DG)(DA)(DA)(DA)(DC)(DA)(DA)(DA)(DG)(DA) C
#
loop_
_chem_comp.id
_chem_comp.type
_chem_comp.name
_chem_comp.formula
3DR DNA linking 1',2'-DIDEOXYRIBOFURANOSE-5'-PHOSPHATE 'C5 H11 O6 P'
DA DNA linking 2'-DEOXYADENOSINE-5'-MONOPHOSPHATE 'C10 H14 N5 O6 P'
DC DNA linking 2'-DEOXYCYTIDINE-5'-MONOPHOSPHATE 'C9 H14 N3 O7 P'
DG DNA linking 2'-DEOXYGUANOSINE-5'-MONOPHOSPHATE 'C10 H14 N5 O7 P'
DT DNA linking THYMIDINE-5'-MONOPHOSPHATE 'C10 H15 N2 O8 P'
ZN non-polymer 'ZINC ION' 'Zn 2'
#
# COMPACT_ATOMS: atom_id res chain seq x y z
N PRO A 1 5.61 -0.80 0.32
CA PRO A 1 4.73 0.06 -0.51
C PRO A 1 3.47 0.54 0.19
N GLU A 2 2.93 1.65 -0.31
CA GLU A 2 1.63 2.12 0.13
C GLU A 2 0.63 1.88 -1.02
N LEU A 3 -0.59 2.36 -0.85
CA LEU A 3 -1.61 2.02 -1.87
C LEU A 3 -1.20 2.39 -3.33
N PRO A 4 -0.60 3.58 -3.56
CA PRO A 4 -0.28 3.89 -4.97
C PRO A 4 0.74 2.95 -5.59
N GLU A 5 1.70 2.50 -4.79
CA GLU A 5 2.70 1.56 -5.29
C GLU A 5 2.06 0.20 -5.54
N VAL A 6 1.22 -0.25 -4.61
CA VAL A 6 0.56 -1.53 -4.82
C VAL A 6 -0.34 -1.47 -6.06
N GLU A 7 -1.04 -0.34 -6.26
CA GLU A 7 -1.93 -0.22 -7.42
C GLU A 7 -1.07 -0.26 -8.71
N THR A 8 0.10 0.35 -8.64
CA THR A 8 1.01 0.33 -9.82
C THR A 8 1.42 -1.11 -10.15
N VAL A 9 1.83 -1.87 -9.14
CA VAL A 9 2.20 -3.28 -9.32
C VAL A 9 1.00 -4.06 -9.87
N ARG A 10 -0.18 -3.81 -9.29
CA ARG A 10 -1.41 -4.48 -9.74
C ARG A 10 -1.62 -4.28 -11.24
N ARG A 11 -1.51 -3.03 -11.67
CA ARG A 11 -1.71 -2.74 -13.09
C ARG A 11 -0.71 -3.43 -14.02
N GLU A 12 0.55 -3.45 -13.60
CA GLU A 12 1.58 -4.14 -14.39
C GLU A 12 1.30 -5.62 -14.45
N LEU A 13 1.02 -6.26 -13.31
CA LEU A 13 0.67 -7.69 -13.34
C LEU A 13 -0.56 -7.98 -14.20
N GLU A 14 -1.56 -7.12 -14.13
CA GLU A 14 -2.81 -7.34 -14.85
C GLU A 14 -2.53 -7.47 -16.36
N LYS A 15 -1.59 -6.67 -16.85
CA LYS A 15 -1.25 -6.69 -18.28
C LYS A 15 -0.41 -7.89 -18.69
N ARG A 16 0.34 -8.45 -17.76
CA ARG A 16 1.33 -9.44 -18.12
C ARG A 16 0.96 -10.88 -17.72
N ILE A 17 0.31 -11.09 -16.57
CA ILE A 17 0.12 -12.47 -16.16
C ILE A 17 -1.33 -12.97 -16.23
N VAL A 18 -2.29 -12.11 -16.54
CA VAL A 18 -3.67 -12.59 -16.62
C VAL A 18 -3.79 -13.52 -17.83
N GLY A 19 -4.47 -14.65 -17.63
CA GLY A 19 -4.58 -15.68 -18.66
C GLY A 19 -3.47 -16.70 -18.63
N GLN A 20 -2.47 -16.51 -17.78
CA GLN A 20 -1.38 -17.47 -17.70
C GLN A 20 -1.68 -18.64 -16.77
N LYS A 21 -1.33 -19.85 -17.22
CA LYS A 21 -1.47 -21.01 -16.37
C LYS A 21 -0.22 -21.18 -15.49
N ILE A 22 -0.44 -21.43 -14.20
CA ILE A 22 0.66 -21.70 -13.28
C ILE A 22 1.15 -23.11 -13.47
N ILE A 23 2.41 -23.26 -13.89
CA ILE A 23 2.94 -24.58 -14.13
C ILE A 23 3.46 -25.18 -12.83
N SER A 24 4.12 -24.37 -12.02
CA SER A 24 4.57 -24.87 -10.71
C SER A 24 4.76 -23.67 -9.78
N ILE A 25 4.85 -23.96 -8.47
CA ILE A 25 5.10 -22.93 -7.48
C ILE A 25 6.21 -23.45 -6.57
N GLU A 26 7.22 -22.60 -6.28
CA GLU A 26 8.37 -23.08 -5.50
C GLU A 26 8.66 -22.06 -4.40
N ALA A 27 9.17 -22.52 -3.25
CA ALA A 27 9.44 -21.59 -2.14
C ALA A 27 10.78 -21.89 -1.57
N THR A 28 11.59 -20.86 -1.30
CA THR A 28 12.70 -21.01 -0.40
C THR A 28 12.36 -20.46 1.01
N TYR A 29 11.31 -19.65 1.15
CA TYR A 29 10.78 -19.22 2.46
C TYR A 29 9.31 -19.50 2.57
N PRO A 30 8.95 -20.79 2.69
CA PRO A 30 7.53 -21.16 2.72
C PRO A 30 6.78 -20.62 3.91
N ARG A 31 7.48 -20.20 4.98
CA ARG A 31 6.76 -19.70 6.15
C ARG A 31 5.98 -18.42 5.93
N MET A 32 6.28 -17.67 4.87
CA MET A 32 5.47 -16.47 4.61
C MET A 32 4.10 -16.79 4.02
N VAL A 33 3.84 -18.06 3.66
CA VAL A 33 2.48 -18.44 3.23
C VAL A 33 1.69 -18.83 4.47
N LEU A 34 0.90 -17.91 5.00
CA LEU A 34 0.35 -18.05 6.33
C LEU A 34 -0.71 -19.14 6.38
N THR A 35 -1.29 -19.48 5.24
CA THR A 35 -2.31 -20.51 5.18
C THR A 35 -1.70 -21.87 4.86
N GLY A 36 -0.38 -21.90 4.73
CA GLY A 36 0.35 -23.16 4.50
C GLY A 36 0.84 -23.35 3.06
N PHE A 37 2.15 -23.46 2.91
CA PHE A 37 2.72 -23.48 1.53
C PHE A 37 2.33 -24.74 0.75
N GLU A 38 2.38 -25.90 1.39
CA GLU A 38 2.01 -27.13 0.64
C GLU A 38 0.55 -27.11 0.16
N GLN A 39 -0.36 -26.58 0.99
CA GLN A 39 -1.76 -26.41 0.60
C GLN A 39 -1.88 -25.50 -0.62
N LEU A 40 -1.13 -24.40 -0.59
CA LEU A 40 -1.23 -23.42 -1.66
C LEU A 40 -0.66 -24.03 -2.94
N LYS A 41 0.46 -24.74 -2.83
CA LYS A 41 1.03 -25.39 -3.99
C LYS A 41 0.08 -26.41 -4.61
N LYS A 42 -0.57 -27.20 -3.76
CA LYS A 42 -1.48 -28.23 -4.22
C LYS A 42 -2.68 -27.60 -4.91
N GLU A 43 -3.24 -26.57 -4.32
CA GLU A 43 -4.45 -25.95 -4.89
C GLU A 43 -4.21 -25.13 -6.15
N LEU A 44 -3.09 -24.42 -6.26
CA LEU A 44 -2.96 -23.43 -7.34
C LEU A 44 -2.20 -23.96 -8.55
N THR A 45 -1.47 -25.04 -8.37
CA THR A 45 -0.70 -25.57 -9.49
C THR A 45 -1.66 -26.01 -10.59
N GLY A 46 -1.40 -25.57 -11.80
CA GLY A 46 -2.24 -25.89 -12.94
C GLY A 46 -3.45 -24.99 -13.15
N LYS A 47 -3.66 -24.01 -12.26
CA LYS A 47 -4.77 -23.05 -12.40
C LYS A 47 -4.33 -21.85 -13.22
N THR A 48 -5.31 -21.15 -13.79
CA THR A 48 -5.00 -19.96 -14.59
C THR A 48 -5.36 -18.69 -13.84
N ILE A 49 -4.46 -17.72 -13.91
CA ILE A 49 -4.74 -16.42 -13.31
C ILE A 49 -5.83 -15.71 -14.09
N GLN A 50 -6.89 -15.33 -13.39
CA GLN A 50 -8.02 -14.68 -14.07
C GLN A 50 -8.01 -13.16 -13.95
N GLY A 51 -7.34 -12.65 -12.93
CA GLY A 51 -7.41 -11.23 -12.69
C GLY A 51 -6.57 -10.87 -11.48
N ILE A 52 -6.28 -9.57 -11.33
CA ILE A 52 -5.58 -9.08 -10.15
C ILE A 52 -6.34 -7.87 -9.62
N SER A 53 -6.71 -7.94 -8.36
CA SER A 53 -7.41 -6.82 -7.73
C SER A 53 -6.60 -6.29 -6.59
N ARG A 54 -7.16 -5.29 -5.88
CA ARG A 54 -6.48 -4.71 -4.75
C ARG A 54 -7.49 -4.20 -3.74
N ARG A 55 -7.17 -4.29 -2.46
CA ARG A 55 -7.98 -3.66 -1.42
C ARG A 55 -7.00 -3.02 -0.49
N GLY A 56 -7.06 -1.70 -0.30
CA GLY A 56 -6.05 -1.05 0.55
C GLY A 56 -4.67 -1.36 0.00
N LYS A 57 -3.75 -1.78 0.87
CA LYS A 57 -2.42 -2.16 0.41
C LYS A 57 -2.29 -3.64 0.05
N TYR A 58 -3.40 -4.36 0.03
CA TYR A 58 -3.35 -5.80 -0.29
C TYR A 58 -3.55 -6.10 -1.77
N LEU A 59 -2.68 -6.95 -2.34
CA LEU A 59 -2.87 -7.42 -3.72
C LEU A 59 -3.73 -8.66 -3.67
N ILE A 60 -4.65 -8.83 -4.62
CA ILE A 60 -5.52 -10.02 -4.63
C ILE A 60 -5.40 -10.69 -5.98
N PHE A 61 -4.74 -11.85 -6.01
CA PHE A 61 -4.68 -12.61 -7.25
C PHE A 61 -5.92 -13.48 -7.36
N GLU A 62 -6.63 -13.38 -8.48
CA GLU A 62 -7.81 -14.21 -8.72
C GLU A 62 -7.40 -15.38 -9.55
N ILE A 63 -7.44 -16.60 -8.97
CA ILE A 63 -6.77 -17.74 -9.61
C ILE A 63 -7.78 -18.88 -9.63
N GLY A 64 -8.24 -19.26 -10.81
CA GLY A 64 -9.46 -20.07 -10.96
C GLY A 64 -10.66 -19.27 -10.46
N ASP A 65 -11.83 -19.91 -10.48
CA ASP A 65 -13.03 -19.25 -10.03
C ASP A 65 -13.12 -19.15 -8.55
N ASP A 66 -12.43 -20.04 -7.85
CA ASP A 66 -12.79 -20.23 -6.45
C ASP A 66 -11.69 -19.83 -5.45
N PHE A 67 -10.53 -19.41 -5.94
CA PHE A 67 -9.43 -19.04 -5.04
C PHE A 67 -8.92 -17.65 -5.24
N ARG A 68 -8.49 -17.05 -4.14
CA ARG A 68 -7.96 -15.73 -4.08
CA ARG A 68 -7.80 -15.75 -4.22
C ARG A 68 -6.63 -15.83 -3.34
N LEU A 69 -5.54 -15.31 -3.89
CA LEU A 69 -4.30 -15.29 -3.16
CA LEU A 69 -4.28 -15.28 -3.18
C LEU A 69 -4.12 -13.84 -2.71
N ILE A 70 -4.12 -13.61 -1.41
CA ILE A 70 -4.03 -12.24 -0.86
C ILE A 70 -2.61 -12.03 -0.45
N SER A 71 -1.97 -11.02 -1.05
CA SER A 71 -0.55 -10.78 -0.82
C SER A 71 -0.35 -9.42 -0.17
N HIS A 72 0.48 -9.33 0.86
CA HIS A 72 0.80 -8.01 1.43
C HIS A 72 2.30 -7.88 1.32
N LEU A 73 2.79 -6.78 0.76
CA LEU A 73 4.21 -6.60 0.52
C LEU A 73 4.89 -5.93 1.71
N ARG A 74 4.12 -5.49 2.69
CA ARG A 74 4.64 -4.87 3.92
C ARG A 74 5.70 -3.79 3.60
N MET A 75 6.91 -3.85 4.17
CA MET A 75 7.82 -2.71 4.09
C MET A 75 8.69 -2.71 2.81
N GLU A 76 9.06 -3.91 2.33
CA GLU A 76 10.12 -4.03 1.32
C GLU A 76 9.82 -5.08 0.25
N GLY A 77 8.61 -5.63 0.21
CA GLY A 77 8.32 -6.65 -0.77
C GLY A 77 8.34 -6.15 -2.17
N LYS A 78 8.81 -7.00 -3.09
CA LYS A 78 9.01 -6.62 -4.51
C LYS A 78 8.66 -7.80 -5.35
N TYR A 79 7.88 -7.59 -6.41
CA TYR A 79 7.64 -8.64 -7.41
C TYR A 79 8.45 -8.33 -8.69
N ARG A 80 8.86 -9.38 -9.39
CA ARG A 80 9.42 -9.13 -10.73
C ARG A 80 9.10 -10.29 -11.61
N LEU A 81 9.06 -9.99 -12.91
CA LEU A 81 8.77 -11.00 -13.91
C LEU A 81 10.08 -11.32 -14.63
N ALA A 82 10.49 -12.58 -14.62
CA ALA A 82 11.82 -12.98 -15.11
C ALA A 82 11.70 -14.14 -16.06
N THR A 83 12.75 -14.37 -16.85
CA THR A 83 12.70 -15.56 -17.68
C THR A 83 12.86 -16.78 -16.78
N LEU A 84 12.57 -17.95 -17.33
CA LEU A 84 12.65 -19.17 -16.52
C LEU A 84 14.07 -19.54 -16.11
N ASP A 85 15.09 -19.03 -16.80
CA ASP A 85 16.45 -19.37 -16.39
C ASP A 85 17.15 -18.25 -15.63
N ALA A 86 16.38 -17.33 -15.08
CA ALA A 86 17.02 -16.28 -14.32
C ALA A 86 17.65 -16.86 -13.04
N PRO A 87 18.82 -16.35 -12.65
CA PRO A 87 19.47 -16.81 -11.43
C PRO A 87 18.68 -16.43 -10.18
N ARG A 88 18.89 -17.16 -9.09
CA ARG A 88 18.26 -16.78 -7.82
C ARG A 88 18.98 -15.55 -7.22
N GLU A 89 18.23 -14.63 -6.64
CA GLU A 89 18.82 -13.55 -5.86
C GLU A 89 18.60 -13.81 -4.36
N LYS A 90 19.45 -13.22 -3.52
CA LYS A 90 19.52 -13.56 -2.11
C LYS A 90 18.17 -13.56 -1.37
N HIS A 91 17.40 -12.54 -1.60
CA HIS A 91 16.15 -12.42 -0.82
C HIS A 91 14.88 -12.80 -1.61
N ASP A 92 15.06 -13.54 -2.69
CA ASP A 92 13.89 -14.16 -3.37
C ASP A 92 13.28 -15.24 -2.47
N HIS A 93 11.97 -15.25 -2.30
CA HIS A 93 11.35 -16.25 -1.43
C HIS A 93 10.39 -17.23 -2.08
N LEU A 94 9.68 -16.76 -3.11
CA LEU A 94 8.60 -17.54 -3.72
C LEU A 94 8.66 -17.32 -5.21
N THR A 95 8.29 -18.33 -5.99
CA THR A 95 8.14 -18.10 -7.40
C THR A 95 6.96 -18.86 -7.96
N MET A 96 6.23 -18.20 -8.83
CA MET A 96 5.16 -18.82 -9.60
C MET A 96 5.67 -18.95 -11.03
N LYS A 97 5.88 -20.18 -11.48
CA LYS A 97 6.44 -20.43 -12.80
C LYS A 97 5.33 -20.65 -13.81
N PHE A 98 5.43 -19.94 -14.92
CA PHE A 98 4.54 -20.06 -16.06
C PHE A 98 5.30 -20.79 -17.14
N ALA A 99 4.66 -21.00 -18.28
CA ALA A 99 5.32 -21.72 -19.37
C ALA A 99 6.49 -20.91 -19.97
N ASP A 100 6.40 -19.60 -19.89
CA ASP A 100 7.35 -18.69 -20.57
C ASP A 100 7.95 -17.60 -19.70
N GLY A 101 7.98 -17.79 -18.38
CA GLY A 101 8.47 -16.74 -17.50
C GLY A 101 8.05 -17.12 -16.09
N GLN A 102 8.49 -16.33 -15.11
CA GLN A 102 8.10 -16.63 -13.73
C GLN A 102 7.93 -15.33 -12.97
N LEU A 103 7.05 -15.36 -11.99
CA LEU A 103 6.76 -14.23 -11.11
C LEU A 103 7.48 -14.54 -9.81
N ILE A 104 8.44 -13.69 -9.44
CA ILE A 104 9.26 -13.94 -8.25
C ILE A 104 8.91 -12.90 -7.21
N TYR A 105 8.68 -13.33 -5.96
CA TYR A 105 8.50 -12.43 -4.80
C TYR A 105 9.76 -12.40 -3.94
N ALA A 106 10.31 -11.21 -3.72
CA ALA A 106 11.49 -10.99 -2.89
C ALA A 106 11.12 -10.05 -1.74
N ASP A 107 11.78 -10.21 -0.60
CA ASP A 107 11.47 -9.34 0.53
C ASP A 107 12.61 -9.43 1.50
N VAL A 108 13.47 -8.40 1.54
CA VAL A 108 14.64 -8.47 2.40
C VAL A 108 14.26 -8.74 3.83
N ARG A 109 13.22 -8.07 4.32
CA ARG A 109 12.93 -8.19 5.76
C ARG A 109 12.02 -9.35 6.12
N LYS A 110 11.50 -10.07 5.11
CA LYS A 110 10.64 -11.24 5.31
C LYS A 110 9.35 -10.87 6.00
N PHE A 111 8.82 -9.66 5.80
CA PHE A 111 7.59 -9.29 6.48
C PHE A 111 6.36 -9.61 5.65
N GLY A 112 6.51 -9.60 4.33
CA GLY A 112 5.34 -9.80 3.45
C GLY A 112 4.71 -11.19 3.63
N THR A 113 3.45 -11.32 3.24
CA THR A 113 2.66 -12.51 3.54
C THR A 113 1.84 -12.91 2.34
N TRP A 114 1.58 -14.21 2.23
CA TRP A 114 0.62 -14.73 1.22
C TRP A 114 -0.46 -15.52 1.99
N GLU A 115 -1.74 -15.36 1.60
CA GLU A 115 -2.80 -16.15 2.23
C GLU A 115 -3.71 -16.62 1.13
N LEU A 116 -3.99 -17.92 1.13
CA LEU A 116 -4.91 -18.46 0.12
C LEU A 116 -6.33 -18.53 0.71
N ILE A 117 -7.28 -17.82 0.09
CA ILE A 117 -8.65 -17.97 0.61
CA ILE A 117 -8.65 -17.60 0.59
C ILE A 117 -9.65 -18.07 -0.51
N SER A 118 -10.80 -18.62 -0.14
CA SER A 118 -11.84 -18.88 -1.09
C SER A 118 -12.46 -17.60 -1.56
N THR A 119 -12.97 -17.58 -2.78
CA THR A 119 -13.61 -16.40 -3.28
C THR A 119 -14.66 -15.80 -2.30
N ASP A 120 -15.53 -16.65 -1.74
CA ASP A 120 -16.57 -16.10 -0.92
C ASP A 120 -16.09 -15.73 0.48
N GLN A 121 -14.80 -15.86 0.74
CA GLN A 121 -14.26 -15.46 2.01
C GLN A 121 -13.48 -14.16 1.94
N VAL A 122 -13.35 -13.58 0.72
CA VAL A 122 -12.53 -12.37 0.58
C VAL A 122 -13.20 -11.20 1.29
N LEU A 123 -14.50 -11.01 1.10
CA LEU A 123 -15.10 -9.85 1.75
C LEU A 123 -15.04 -10.04 3.29
N PRO A 124 -15.31 -11.24 3.82
CA PRO A 124 -15.17 -11.39 5.27
C PRO A 124 -13.76 -11.18 5.79
N TYR A 125 -12.78 -11.55 4.98
CA TYR A 125 -11.38 -11.36 5.36
C TYR A 125 -11.12 -9.87 5.64
N PHE A 126 -11.61 -9.00 4.76
CA PHE A 126 -11.29 -7.58 4.95
C PHE A 126 -12.20 -6.95 6.00
N LEU A 127 -13.42 -7.45 6.13
CA LEU A 127 -14.26 -7.02 7.29
C LEU A 127 -13.58 -7.36 8.62
N LYS A 128 -12.94 -8.52 8.72
CA LYS A 128 -12.35 -8.90 10.02
C LYS A 128 -11.20 -8.00 10.36
N LYS A 129 -10.48 -7.55 9.32
CA LYS A 129 -9.42 -6.59 9.55
C LYS A 129 -9.85 -5.14 9.75
N LYS A 130 -11.12 -4.86 9.56
CA LYS A 130 -11.73 -3.56 9.82
C LYS A 130 -11.16 -2.51 8.86
N ILE A 131 -10.76 -2.94 7.67
CA ILE A 131 -10.13 -2.03 6.69
C ILE A 131 -11.18 -0.96 6.32
N GLY A 132 -10.79 0.33 6.29
CA GLY A 132 -11.74 1.40 5.96
C GLY A 132 -11.93 1.52 4.45
N PRO A 133 -12.64 2.56 4.03
CA PRO A 133 -13.03 2.68 2.62
C PRO A 133 -11.86 2.94 1.70
N GLU A 134 -12.00 2.57 0.42
CA GLU A 134 -11.00 3.03 -0.54
C GLU A 134 -10.99 4.57 -0.63
N PRO A 135 -9.81 5.16 -0.96
CA PRO A 135 -9.66 6.63 -1.00
C PRO A 135 -10.16 7.20 -2.33
N THR A 136 -11.46 7.14 -2.51
CA THR A 136 -12.09 7.66 -3.74
C THR A 136 -13.29 8.52 -3.35
N TYR A 137 -13.67 9.45 -4.21
CA TYR A 137 -14.84 10.24 -3.86
C TYR A 137 -16.06 9.33 -3.70
N GLU A 138 -16.17 8.27 -4.53
CA GLU A 138 -17.32 7.39 -4.41
C GLU A 138 -17.40 6.59 -3.12
N ASP A 139 -16.25 6.10 -2.60
CA ASP A 139 -16.29 5.16 -1.47
C ASP A 139 -15.98 5.85 -0.11
N PHE A 140 -15.26 6.97 -0.13
CA PHE A 140 -14.79 7.56 1.12
C PHE A 140 -15.78 8.62 1.53
N ASP A 141 -16.72 8.27 2.42
CA ASP A 141 -17.76 9.21 2.81
C ASP A 141 -17.26 10.18 3.88
N GLU A 142 -17.23 11.49 3.59
CA GLU A 142 -16.77 12.48 4.55
C GLU A 142 -17.63 12.51 5.83
N LYS A 143 -18.92 12.22 5.69
CA LYS A 143 -19.79 12.37 6.86
C LYS A 143 -19.41 11.32 7.93
N LEU A 144 -19.19 10.09 7.54
CA LEU A 144 -18.76 9.09 8.51
C LEU A 144 -17.38 9.38 9.05
N PHE A 145 -16.49 9.79 8.16
CA PHE A 145 -15.12 10.17 8.52
C PHE A 145 -15.16 11.20 9.62
N ARG A 146 -15.96 12.24 9.39
CA ARG A 146 -16.11 13.33 10.38
C ARG A 146 -16.60 12.81 11.73
N GLU A 147 -17.56 11.89 11.71
CA GLU A 147 -18.10 11.38 12.96
C GLU A 147 -17.07 10.56 13.70
N LYS A 148 -16.26 9.81 12.97
CA LYS A 148 -15.25 8.97 13.65
C LYS A 148 -14.21 9.90 14.28
N LEU A 149 -13.85 10.96 13.56
CA LEU A 149 -12.82 11.86 14.10
C LEU A 149 -13.34 12.57 15.32
N ARG A 150 -14.62 12.89 15.32
CA ARG A 150 -15.24 13.56 16.46
C ARG A 150 -15.21 12.70 17.74
N LYS A 151 -15.36 11.39 17.61
CA LYS A 151 -15.46 10.52 18.77
C LYS A 151 -14.10 10.15 19.39
N SER A 152 -13.00 10.52 18.75
CA SER A 152 -11.69 10.04 19.18
C SER A 152 -10.79 11.13 19.77
N THR A 153 -9.92 10.76 20.73
CA THR A 153 -8.86 11.68 21.12
C THR A 153 -7.51 11.17 20.63
N LYS A 154 -7.52 10.20 19.70
CA LYS A 154 -6.27 9.81 19.04
C LYS A 154 -5.64 10.94 18.28
N LYS A 155 -4.33 10.87 18.09
CA LYS A 155 -3.61 11.81 17.25
C LYS A 155 -3.91 11.47 15.78
N ILE A 156 -4.01 12.50 14.93
CA ILE A 156 -4.50 12.25 13.57
C ILE A 156 -3.51 11.38 12.75
N LYS A 157 -2.19 11.57 12.87
CA LYS A 157 -1.30 10.74 12.03
C LYS A 157 -1.44 9.23 12.39
N PRO A 158 -1.28 8.87 13.66
CA PRO A 158 -1.44 7.44 13.95
C PRO A 158 -2.84 6.92 13.64
N TYR A 159 -3.89 7.73 13.81
CA TYR A 159 -5.23 7.19 13.53
C TYR A 159 -5.33 6.93 12.00
N LEU A 160 -4.82 7.85 11.17
CA LEU A 160 -4.84 7.63 9.70
C LEU A 160 -4.03 6.39 9.32
N LEU A 161 -2.92 6.12 9.99
CA LEU A 161 -2.12 4.96 9.66
C LEU A 161 -2.80 3.65 9.98
N GLU A 162 -3.84 3.63 10.81
CA GLU A 162 -4.45 2.36 11.24
C GLU A 162 -5.17 1.64 10.13
N GLN A 163 -5.49 2.36 9.06
CA GLN A 163 -6.21 1.84 7.87
C GLN A 163 -7.72 1.74 8.12
N THR A 164 -8.21 2.18 9.27
CA THR A 164 -9.64 2.03 9.58
C THR A 164 -10.51 3.22 9.17
N LEU A 165 -9.94 4.44 9.16
CA LEU A 165 -10.70 5.64 8.69
C LEU A 165 -10.79 5.65 7.16
N VAL A 166 -9.76 5.11 6.53
CA VAL A 166 -9.59 5.10 5.07
C VAL A 166 -8.40 4.21 4.83
N ALA A 167 -8.44 3.44 3.73
CA ALA A 167 -7.40 2.46 3.46
C ALA A 167 -6.30 3.03 2.57
N GLY A 168 -5.03 2.74 2.89
CA GLY A 168 -3.98 2.92 1.90
C GLY A 168 -2.86 3.89 2.21
N LEU A 169 -3.06 4.72 3.23
CA LEU A 169 -2.00 5.67 3.63
C LEU A 169 -0.92 4.93 4.44
N GLY A 170 0.35 5.23 4.12
CA GLY A 170 1.47 4.80 4.94
C GLY A 170 2.28 6.04 5.28
N ASN A 171 3.51 5.83 5.69
CA ASN A 171 4.19 6.97 6.29
C ASN A 171 4.46 8.08 5.29
N ILE A 172 4.73 7.73 4.03
CA ILE A 172 5.05 8.82 3.06
C ILE A 172 3.79 9.62 2.81
N TYR A 173 2.68 8.98 2.48
CA TYR A 173 1.53 9.76 2.02
C TYR A 173 0.78 10.35 3.20
N VAL A 174 0.89 9.80 4.43
CA VAL A 174 0.21 10.48 5.54
C VAL A 174 0.94 11.80 5.83
N ASP A 175 2.29 11.79 5.72
CA ASP A 175 3.02 13.08 5.93
C ASP A 175 2.67 14.06 4.81
N GLU A 176 2.57 13.58 3.57
CA GLU A 176 2.26 14.48 2.44
C GLU A 176 0.85 15.07 2.59
N VAL A 177 -0.09 14.22 3.02
CA VAL A 177 -1.48 14.63 3.15
C VAL A 177 -1.66 15.67 4.25
N LEU A 178 -0.99 15.46 5.38
CA LEU A 178 -1.19 16.35 6.51
C LEU A 178 -0.51 17.69 6.23
N TRP A 179 0.58 17.67 5.48
CA TRP A 179 1.16 18.96 5.04
C TRP A 179 0.20 19.70 4.08
N LEU A 180 -0.38 18.95 3.12
CA LEU A 180 -1.25 19.56 2.12
C LEU A 180 -2.46 20.16 2.80
N ALA A 181 -3.01 19.41 3.76
CA ALA A 181 -4.20 19.87 4.51
C ALA A 181 -3.89 20.77 5.71
N LYS A 182 -2.61 21.11 5.92
CA LYS A 182 -2.21 22.06 6.95
C LYS A 182 -2.62 21.63 8.36
N ILE A 183 -2.42 20.35 8.64
CA ILE A 183 -2.74 19.79 9.94
C ILE A 183 -1.52 19.19 10.62
N HIS A 184 -1.32 19.50 11.90
CA HIS A 184 -0.17 18.92 12.61
C HIS A 184 -0.41 17.42 12.88
N PRO A 185 0.62 16.57 12.72
CA PRO A 185 0.39 15.12 12.90
C PRO A 185 -0.02 14.70 14.32
N GLU A 186 0.24 15.54 15.33
CA GLU A 186 -0.17 15.19 16.71
C GLU A 186 -1.49 15.85 17.10
N LYS A 187 -2.16 16.47 16.14
CA LYS A 187 -3.48 17.08 16.44
C LYS A 187 -4.49 15.99 16.89
N GLU A 188 -5.12 16.18 18.06
CA GLU A 188 -6.14 15.20 18.50
C GLU A 188 -7.36 15.32 17.58
N THR A 189 -7.89 14.19 17.13
CA THR A 189 -8.86 14.31 16.04
C THR A 189 -10.14 14.99 16.48
N ASN A 190 -10.49 14.91 17.78
CA ASN A 190 -11.75 15.55 18.18
C ASN A 190 -11.62 17.07 18.27
N GLN A 191 -10.43 17.61 18.00
CA GLN A 191 -10.26 19.06 17.93
C GLN A 191 -10.35 19.63 16.51
N LEU A 192 -10.35 18.77 15.50
CA LEU A 192 -10.44 19.21 14.12
C LEU A 192 -11.79 19.84 13.84
N ILE A 193 -11.82 21.01 13.21
CA ILE A 193 -13.13 21.55 12.84
C ILE A 193 -13.60 21.10 11.45
N GLU A 194 -14.88 21.31 11.14
CA GLU A 194 -15.45 20.72 9.95
C GLU A 194 -14.67 21.08 8.69
N SER A 195 -14.25 22.35 8.57
CA SER A 195 -13.56 22.73 7.32
C SER A 195 -12.19 22.07 7.18
N SER A 196 -11.50 21.86 8.31
CA SER A 196 -10.20 21.13 8.27
C SER A 196 -10.46 19.69 7.86
N ILE A 197 -11.52 19.09 8.38
CA ILE A 197 -11.80 17.68 8.02
C ILE A 197 -12.15 17.56 6.54
N HIS A 198 -12.89 18.54 6.02
CA HIS A 198 -13.19 18.54 4.61
C HIS A 198 -11.92 18.62 3.74
N LEU A 199 -11.03 19.58 4.08
CA LEU A 199 -9.74 19.68 3.38
C LEU A 199 -8.94 18.37 3.52
N LEU A 200 -8.95 17.76 4.71
CA LEU A 200 -8.19 16.51 4.91
C LEU A 200 -8.77 15.42 4.02
N HIS A 201 -10.09 15.29 4.03
CA HIS A 201 -10.76 14.25 3.23
C HIS A 201 -10.37 14.37 1.74
N ASP A 202 -10.54 15.59 1.21
CA ASP A 202 -10.23 15.78 -0.21
C ASP A 202 -8.72 15.57 -0.49
N SER A 203 -7.87 15.99 0.46
CA SER A 203 -6.41 15.89 0.29
C SER A 203 -5.97 14.43 0.26
N ILE A 204 -6.62 13.61 1.05
CA ILE A 204 -6.30 12.18 1.00
C ILE A 204 -6.58 11.61 -0.38
N ILE A 205 -7.77 11.94 -0.92
CA ILE A 205 -8.15 11.42 -2.21
C ILE A 205 -7.21 11.98 -3.27
N GLU A 206 -6.97 13.30 -3.23
CA GLU A 206 -6.18 13.92 -4.30
C GLU A 206 -4.74 13.43 -4.30
N ILE A 207 -4.12 13.34 -3.14
CA ILE A 207 -2.74 12.89 -3.07
C ILE A 207 -2.60 11.44 -3.55
N LEU A 208 -3.51 10.56 -3.14
CA LEU A 208 -3.29 9.17 -3.50
C LEU A 208 -3.62 8.99 -4.98
N GLN A 209 -4.65 9.68 -5.48
CA GLN A 209 -4.94 9.52 -6.90
C GLN A 209 -3.81 10.11 -7.78
N LYS A 210 -3.19 11.22 -7.36
CA LYS A 210 -2.04 11.77 -8.06
C LYS A 210 -0.88 10.77 -8.06
N ALA A 211 -0.66 10.15 -6.90
CA ALA A 211 0.43 9.20 -6.79
C ALA A 211 0.20 8.00 -7.72
N ILE A 212 -1.03 7.52 -7.79
CA ILE A 212 -1.37 6.42 -8.68
C ILE A 212 -1.09 6.83 -10.14
N LYS A 213 -1.56 8.01 -10.53
CA LYS A 213 -1.34 8.51 -11.90
C LYS A 213 0.14 8.57 -12.24
N LEU A 214 0.99 8.89 -11.27
CA LEU A 214 2.42 9.05 -11.51
C LEU A 214 3.21 7.73 -11.30
N GLY A 215 2.52 6.64 -11.02
CA GLY A 215 3.18 5.34 -10.92
C GLY A 215 3.85 5.07 -9.59
N GLY A 216 3.42 5.82 -8.58
CA GLY A 216 3.91 5.64 -7.23
C GLY A 216 5.28 6.28 -7.02
N SER A 217 5.77 6.11 -5.81
CA SER A 217 7.06 6.70 -5.41
C SER A 217 8.09 5.61 -5.41
N SER A 218 9.14 5.79 -6.17
CA SER A 218 10.21 4.78 -6.16
C SER A 218 11.42 5.53 -5.72
N ILE A 219 11.87 5.28 -4.49
CA ILE A 219 13.06 5.95 -3.95
C ILE A 219 14.32 5.40 -4.63
N ARG A 220 14.15 4.40 -5.47
CA ARG A 220 15.15 4.00 -6.45
C ARG A 220 14.48 3.23 -7.58
N THR A 221 15.21 3.02 -8.66
CA THR A 221 14.76 2.11 -9.70
C THR A 221 15.29 0.72 -9.39
N TYR A 222 14.54 -0.31 -9.78
CA TYR A 222 14.92 -1.67 -9.48
C TYR A 222 14.63 -2.56 -10.69
N SER A 223 14.91 -3.86 -10.57
CA SER A 223 14.48 -4.83 -11.57
C SER A 223 12.98 -5.07 -11.44
N ALA A 224 12.40 -4.54 -10.37
CA ALA A 224 11.08 -4.96 -9.90
C ALA A 224 9.94 -4.16 -10.49
N LEU A 225 8.74 -4.75 -10.45
CA LEU A 225 7.55 -4.05 -10.90
C LEU A 225 7.31 -2.83 -10.02
N GLY A 226 6.83 -1.75 -10.64
CA GLY A 226 6.49 -0.54 -9.91
C GLY A 226 7.68 0.37 -9.62
N SER A 227 8.84 0.08 -10.20
CA SER A 227 10.02 0.86 -9.90
C SER A 227 10.23 1.99 -10.90
N THR A 228 9.22 2.23 -11.73
CA THR A 228 9.29 3.30 -12.73
C THR A 228 8.50 4.55 -12.30
N GLY A 229 8.15 4.64 -11.03
CA GLY A 229 7.32 5.73 -10.56
C GLY A 229 8.01 7.09 -10.59
N LYS A 230 7.19 8.14 -10.56
CA LYS A 230 7.63 9.54 -10.59
C LYS A 230 7.02 10.37 -9.46
N MET A 231 6.24 9.76 -8.56
CA MET A 231 5.67 10.56 -7.49
C MET A 231 6.77 11.07 -6.55
N GLN A 232 7.91 10.38 -6.51
CA GLN A 232 8.95 10.78 -5.55
C GLN A 232 9.44 12.21 -5.87
N ASN A 233 9.31 12.61 -7.13
CA ASN A 233 9.70 13.97 -7.52
C ASN A 233 8.70 15.05 -7.10
N GLU A 234 7.54 14.63 -6.64
CA GLU A 234 6.45 15.52 -6.19
C GLU A 234 6.25 15.58 -4.68
N LEU A 235 7.08 14.86 -3.94
CA LEU A 235 6.93 14.87 -2.47
C LEU A 235 7.36 16.23 -1.97
N GLN A 236 6.57 16.80 -1.05
CA GLN A 236 6.83 18.11 -0.47
C GLN A 236 7.47 18.09 0.91
N VAL A 237 7.30 16.99 1.63
CA VAL A 237 7.83 16.96 3.01
C VAL A 237 8.52 15.67 3.37
N TYR A 238 8.02 14.52 2.87
CA TYR A 238 8.59 13.26 3.31
C TYR A 238 10.07 13.20 2.91
N GLY A 239 10.95 12.98 3.88
CA GLY A 239 12.37 12.90 3.56
C GLY A 239 12.99 14.27 3.27
N LYS A 240 12.29 15.38 3.51
CA LYS A 240 12.81 16.69 3.10
C LYS A 240 13.33 17.48 4.30
N THR A 241 13.69 16.80 5.37
CA THR A 241 14.19 17.47 6.58
C THR A 241 15.28 18.48 6.25
N GLY A 242 15.07 19.72 6.70
CA GLY A 242 16.06 20.78 6.58
C GLY A 242 15.91 21.60 5.31
N GLU A 243 15.13 21.07 4.37
CA GLU A 243 14.80 21.83 3.17
C GLU A 243 13.69 22.81 3.46
N LYS A 244 13.58 23.83 2.62
CA LYS A 244 12.54 24.84 2.86
C LYS A 244 11.17 24.33 2.45
N CYS A 245 10.15 24.71 3.23
CA CYS A 245 8.75 24.44 2.84
C CYS A 245 8.49 25.06 1.47
N SER A 246 7.81 24.29 0.61
CA SER A 246 7.64 24.78 -0.75
C SER A 246 6.62 25.91 -0.85
N ARG A 247 5.86 26.18 0.20
CA ARG A 247 4.97 27.34 0.18
C ARG A 247 5.71 28.66 0.39
N GLY A 248 7.00 28.57 0.67
CA GLY A 248 7.96 29.65 0.48
C GLY A 248 7.98 30.71 1.57
N HIS A 249 7.65 30.35 2.80
CA HIS A 249 7.77 31.26 3.93
C HIS A 249 9.10 31.03 4.69
N GLY A 250 10.04 30.39 4.03
CA GLY A 250 11.33 30.16 4.61
C GLY A 250 11.43 29.21 5.81
N ALA A 251 10.34 28.55 6.21
CA ALA A 251 10.46 27.58 7.30
C ALA A 251 11.14 26.31 6.76
N GLU A 252 12.01 25.68 7.55
CA GLU A 252 12.54 24.35 7.17
C GLU A 252 11.60 23.27 7.57
N ILE A 253 11.53 22.24 6.75
CA ILE A 253 10.84 21.02 7.18
C ILE A 253 11.57 20.38 8.37
N GLN A 254 10.79 19.99 9.37
CA GLN A 254 11.36 19.38 10.57
C GLN A 254 10.98 17.91 10.62
N LYS A 255 11.81 17.14 11.35
CA LYS A 255 11.46 15.72 11.52
C LYS A 255 11.35 15.43 13.00
N ILE A 256 10.24 14.84 13.41
CA ILE A 256 10.03 14.41 14.78
C ILE A 256 9.58 12.93 14.76
N LYS A 257 9.44 12.34 15.96
CA LYS A 257 8.90 10.99 16.04
C LYS A 257 7.50 11.09 16.61
N VAL A 258 6.55 10.46 15.91
CA VAL A 258 5.18 10.46 16.41
C VAL A 258 4.75 9.00 16.47
N ALA A 259 4.44 8.56 17.70
CA ALA A 259 4.01 7.17 17.92
C ALA A 259 4.96 6.19 17.23
N GLY A 260 6.27 6.45 17.40
CA GLY A 260 7.26 5.54 16.86
C GLY A 260 7.66 5.75 15.41
N ARG A 261 7.02 6.68 14.71
CA ARG A 261 7.31 6.82 13.29
C ARG A 261 7.99 8.13 12.95
N GLY A 262 8.90 8.10 11.99
CA GLY A 262 9.56 9.33 11.54
C GLY A 262 8.49 10.20 10.88
N THR A 263 8.50 11.50 11.18
CA THR A 263 7.36 12.36 10.84
C THR A 263 7.88 13.70 10.36
N HIS A 264 7.52 14.09 9.13
CA HIS A 264 8.08 15.29 8.50
C HIS A 264 6.99 16.33 8.34
N PHE A 265 7.24 17.56 8.79
CA PHE A 265 6.16 18.56 8.72
C PHE A 265 6.75 19.96 8.63
N CYS A 266 5.94 20.91 8.19
CA CYS A 266 6.32 22.32 8.21
C CYS A 266 5.69 22.95 9.46
N PRO A 267 6.51 23.46 10.40
CA PRO A 267 5.92 24.00 11.63
C PRO A 267 5.15 25.31 11.43
N VAL A 268 5.27 25.96 10.28
CA VAL A 268 4.42 27.16 10.01
C VAL A 268 3.06 26.71 9.48
N CYS A 269 3.06 25.83 8.47
CA CYS A 269 1.81 25.32 7.88
C CYS A 269 1.00 24.47 8.83
N GLN A 270 1.66 23.77 9.73
CA GLN A 270 1.01 22.70 10.50
C GLN A 270 1.17 23.03 11.97
N GLN A 271 0.29 23.88 12.47
CA GLN A 271 0.32 24.37 13.86
CA GLN A 271 0.49 24.20 13.87
C GLN A 271 -0.43 23.38 14.73
N LYS A 272 0.16 23.01 15.86
CA LYS A 272 -0.31 22.01 16.78
C LYS A 272 -1.78 22.10 17.18
O5' 3DR B 7 8.12 4.41 5.82
P 3DR B 7 9.15 4.71 6.90
OP1 3DR B 7 9.34 6.20 6.78
OP2 3DR B 7 8.73 4.21 8.22
C2' 3DR B 7 6.80 1.51 2.92
C5' 3DR B 7 7.91 3.32 5.12
C4' 3DR B 7 6.83 3.44 4.11
O4' 3DR B 7 7.26 3.73 2.78
C1' 3DR B 7 6.98 2.63 1.97
C3' 3DR B 7 6.28 2.06 4.09
O3' 3DR B 7 4.87 2.17 3.96
ZN ZN D . 5.04 25.69 5.29
#